data_1AW5
#
_entry.id   1AW5
#
_cell.length_a   102.500
_cell.length_b   102.500
_cell.length_c   168.300
_cell.angle_alpha   90.00
_cell.angle_beta   90.00
_cell.angle_gamma   90.00
#
_symmetry.space_group_name_H-M   'I 4 2 2'
#
loop_
_entity.id
_entity.type
_entity.pdbx_description
1 polymer '5-AMINOLEVULINATE DEHYDRATASE'
2 non-polymer 'ZINC ION'
3 water water
#
_entity_poly.entity_id   1
_entity_poly.type   'polypeptide(L)'
_entity_poly.pdbx_seq_one_letter_code
;(MSE)HTAEFLETEPTEISSVLAGGYNHPLLRQWQSERQLTKN(MSE)LIFPLFISDNPDDFTEIDSAPNINRIGVNRLK
DYLKPLVAKGLRSVILFGVPLIPGTKDPVGTAADDPAGPVIQGIRFIREKFPELYIICDVCLCEYTSHGHCGVLYDDGTI
NRERSVSRLAAVAVNYAKAGAHCVAPSD(MSE)IDGRIRDIKRGLINANLAHKTFVLSYAAKFSGNLYGPARDAACSAPS
NGDRKCYQLPPAGRGLARRALERD(MSE)SEGADGIIVKPSTFYLDIVRDASEICKDLPICAYHVSGEYA(MSE)LHAAA
EKGVVDLKTIAFESHQGFLRAGARLIITYLAPEFLDWLDE
;
_entity_poly.pdbx_strand_id   A
#
loop_
_chem_comp.id
_chem_comp.type
_chem_comp.name
_chem_comp.formula
ZN non-polymer 'ZINC ION' 'Zn 2'
#
# COMPACT_ATOMS: atom_id res chain seq x y z
N MSE A 1 -45.52 12.70 41.54
CA MSE A 1 -44.73 11.68 40.86
C MSE A 1 -43.87 12.29 39.75
O MSE A 1 -44.17 13.36 39.23
CB MSE A 1 -45.70 10.67 40.18
CG MSE A 1 -46.27 11.36 38.95
SE MSE A 1 -47.34 9.89 38.16
CE MSE A 1 -48.00 10.49 36.45
N HIS A 2 -42.83 11.56 39.40
CA HIS A 2 -41.92 11.98 38.36
C HIS A 2 -42.58 12.32 37.06
N THR A 3 -42.46 13.57 36.65
CA THR A 3 -43.04 14.03 35.38
C THR A 3 -41.95 14.60 34.48
N ALA A 4 -42.07 14.48 33.18
CA ALA A 4 -41.06 14.97 32.26
C ALA A 4 -40.87 16.48 32.34
N GLU A 5 -39.64 16.86 32.65
CA GLU A 5 -39.28 18.28 32.76
C GLU A 5 -38.77 18.79 31.41
N PHE A 6 -39.14 20.01 31.07
CA PHE A 6 -38.73 20.60 29.79
C PHE A 6 -38.24 22.03 30.05
N LEU A 7 -36.93 22.28 30.01
CA LEU A 7 -36.53 23.66 30.30
C LEU A 7 -36.99 24.62 29.22
N GLU A 8 -37.00 25.91 29.57
CA GLU A 8 -37.44 26.82 28.48
C GLU A 8 -36.19 27.26 27.71
N THR A 9 -36.26 27.39 26.39
CA THR A 9 -35.01 27.80 25.72
C THR A 9 -35.22 29.00 24.82
N GLU A 10 -34.10 29.58 24.36
CA GLU A 10 -34.20 30.73 23.47
C GLU A 10 -34.39 30.31 22.03
N PRO A 11 -34.67 31.29 21.18
CA PRO A 11 -34.82 30.83 19.79
C PRO A 11 -33.54 30.18 19.29
N THR A 12 -33.71 29.28 18.34
CA THR A 12 -32.58 28.54 17.75
C THR A 12 -31.62 29.50 17.04
N GLU A 13 -30.32 29.25 17.13
CA GLU A 13 -29.38 30.14 16.41
C GLU A 13 -29.11 29.49 15.05
N ILE A 14 -28.94 30.30 14.01
CA ILE A 14 -28.69 29.63 12.71
C ILE A 14 -27.35 28.89 12.74
N SER A 15 -26.34 29.43 13.41
CA SER A 15 -25.03 28.79 13.51
C SER A 15 -25.09 27.43 14.15
N SER A 16 -26.23 27.09 14.77
CA SER A 16 -26.29 25.78 15.40
C SER A 16 -26.81 24.73 14.41
N VAL A 17 -27.46 25.16 13.34
CA VAL A 17 -28.08 24.35 12.33
C VAL A 17 -27.23 23.87 11.20
N LEU A 18 -26.76 22.63 11.28
CA LEU A 18 -25.94 21.97 10.31
C LEU A 18 -26.69 20.90 9.52
N ALA A 19 -27.74 20.37 10.12
CA ALA A 19 -28.61 19.33 9.63
C ALA A 19 -29.16 19.53 8.25
N GLY A 20 -29.32 20.77 7.78
CA GLY A 20 -29.86 20.83 6.41
C GLY A 20 -28.82 20.35 5.42
N GLY A 21 -27.61 20.12 5.91
CA GLY A 21 -26.53 19.68 5.04
C GLY A 21 -26.40 18.19 4.83
N TYR A 22 -27.12 17.40 5.61
CA TYR A 22 -27.09 15.94 5.48
C TYR A 22 -28.40 15.34 5.97
N ASN A 23 -29.35 15.20 5.05
CA ASN A 23 -30.67 14.68 5.34
C ASN A 23 -31.17 13.68 4.30
N HIS A 24 -30.59 13.79 3.11
CA HIS A 24 -30.91 12.92 1.97
C HIS A 24 -29.69 12.05 1.67
N PRO A 25 -29.95 10.83 1.17
CA PRO A 25 -28.88 9.88 0.85
C PRO A 25 -27.82 10.49 -0.06
N LEU A 26 -28.28 11.36 -0.96
CA LEU A 26 -27.43 12.04 -1.93
C LEU A 26 -26.55 13.08 -1.26
N LEU A 27 -27.09 13.68 -0.21
CA LEU A 27 -26.32 14.70 0.48
C LEU A 27 -25.15 14.08 1.22
N ARG A 28 -25.21 12.76 1.34
CA ARG A 28 -24.15 12.07 2.05
C ARG A 28 -22.93 11.86 1.19
N GLN A 29 -23.13 11.94 -0.12
CA GLN A 29 -22.10 11.81 -1.14
C GLN A 29 -21.51 13.24 -1.39
N TRP A 30 -22.43 14.19 -1.30
CA TRP A 30 -22.19 15.62 -1.48
C TRP A 30 -21.21 16.14 -0.42
N GLN A 31 -21.33 15.59 0.78
CA GLN A 31 -20.57 15.86 1.96
C GLN A 31 -19.21 15.19 1.98
N SER A 32 -18.82 14.42 0.97
CA SER A 32 -17.49 13.79 1.06
C SER A 32 -16.47 14.55 0.21
N GLU A 33 -15.31 14.81 0.76
CA GLU A 33 -14.20 15.48 0.08
C GLU A 33 -13.79 14.77 -1.19
N ARG A 34 -14.00 13.46 -1.23
CA ARG A 34 -13.69 12.67 -2.40
C ARG A 34 -14.39 11.32 -2.37
N GLN A 35 -14.82 10.84 -3.53
CA GLN A 35 -15.52 9.57 -3.62
C GLN A 35 -14.64 8.48 -4.22
N LEU A 36 -14.92 7.26 -3.79
CA LEU A 36 -14.26 6.05 -4.20
C LEU A 36 -14.54 5.65 -5.64
N THR A 37 -13.53 5.67 -6.49
CA THR A 37 -13.64 5.25 -7.88
C THR A 37 -12.89 3.91 -8.03
N LYS A 38 -13.03 3.21 -9.13
CA LYS A 38 -12.30 1.93 -9.26
C LYS A 38 -10.85 2.13 -9.62
N ASN A 39 -10.52 3.23 -10.28
CA ASN A 39 -9.13 3.44 -10.67
C ASN A 39 -8.28 3.93 -9.52
N MSE A 40 -8.79 3.79 -8.30
CA MSE A 40 -8.08 4.24 -7.11
C MSE A 40 -7.47 3.10 -6.33
O MSE A 40 -6.60 3.31 -5.51
CB MSE A 40 -9.14 4.89 -6.14
CG MSE A 40 -9.18 6.42 -6.37
SE MSE A 40 -10.52 6.90 -4.81
CE MSE A 40 -11.05 8.37 -5.83
N LEU A 41 -8.02 1.92 -6.59
CA LEU A 41 -7.58 0.74 -5.89
C LEU A 41 -6.34 0.13 -6.49
N ILE A 42 -5.51 -0.39 -5.59
CA ILE A 42 -4.29 -1.05 -6.08
C ILE A 42 -4.23 -2.44 -5.42
N PHE A 43 -4.26 -3.46 -6.28
CA PHE A 43 -4.25 -4.83 -5.80
C PHE A 43 -2.88 -5.43 -5.65
N PRO A 44 -2.55 -5.89 -4.43
CA PRO A 44 -1.24 -6.50 -4.22
C PRO A 44 -1.15 -7.88 -4.86
N LEU A 45 -0.02 -8.21 -5.47
CA LEU A 45 0.13 -9.53 -6.10
C LEU A 45 1.42 -10.20 -5.58
N PHE A 46 1.30 -11.43 -5.11
CA PHE A 46 2.42 -12.23 -4.61
C PHE A 46 2.80 -13.30 -5.63
N ILE A 47 3.88 -13.03 -6.34
CA ILE A 47 4.34 -13.94 -7.39
C ILE A 47 5.37 -14.92 -6.93
N SER A 48 5.08 -16.21 -7.13
CA SER A 48 5.90 -17.33 -6.77
C SER A 48 6.92 -17.77 -7.79
N ASP A 49 7.98 -18.37 -7.25
CA ASP A 49 9.09 -18.92 -8.05
C ASP A 49 8.51 -20.03 -8.96
N ASN A 50 7.64 -20.85 -8.37
CA ASN A 50 6.99 -21.94 -9.08
C ASN A 50 5.92 -21.42 -10.02
N PRO A 51 6.27 -21.40 -11.32
CA PRO A 51 5.43 -20.92 -12.37
C PRO A 51 4.03 -21.46 -12.42
N ASP A 52 3.71 -22.52 -11.70
CA ASP A 52 2.35 -23.07 -11.76
C ASP A 52 1.60 -22.81 -10.46
N ASP A 53 2.31 -22.26 -9.50
CA ASP A 53 1.79 -21.95 -8.19
C ASP A 53 0.43 -21.29 -8.21
N PHE A 54 -0.16 -21.32 -7.03
CA PHE A 54 -1.47 -20.77 -6.70
C PHE A 54 -1.91 -21.38 -5.35
N THR A 55 -1.10 -21.04 -4.37
CA THR A 55 -1.14 -21.41 -2.98
C THR A 55 -1.76 -20.32 -2.11
N GLU A 56 -2.81 -20.71 -1.40
CA GLU A 56 -3.58 -19.91 -0.49
C GLU A 56 -2.71 -19.45 0.70
N ILE A 57 -2.62 -18.14 0.97
CA ILE A 57 -1.80 -17.78 2.16
C ILE A 57 -2.77 -17.74 3.36
N ASP A 58 -2.42 -17.44 4.61
CA ASP A 58 -3.49 -17.47 5.57
C ASP A 58 -3.32 -16.66 6.81
N SER A 59 -4.45 -16.10 7.19
CA SER A 59 -4.83 -15.25 8.29
C SER A 59 -6.38 -15.21 8.39
N ALA A 60 -6.95 -14.59 7.38
CA ALA A 60 -8.34 -14.35 7.08
C ALA A 60 -8.51 -14.00 5.59
N PRO A 61 -7.34 -13.94 4.91
CA PRO A 61 -7.26 -13.63 3.51
C PRO A 61 -7.96 -14.62 2.60
N ASN A 62 -7.96 -14.23 1.35
CA ASN A 62 -8.49 -14.84 0.15
C ASN A 62 -7.49 -14.54 -1.02
N ILE A 63 -6.29 -14.19 -0.60
CA ILE A 63 -5.17 -13.86 -1.46
C ILE A 63 -4.23 -15.06 -1.61
N ASN A 64 -3.63 -15.12 -2.79
CA ASN A 64 -2.74 -16.24 -3.05
C ASN A 64 -1.36 -15.76 -3.54
N ARG A 65 -0.56 -16.81 -3.67
CA ARG A 65 0.81 -16.88 -4.16
C ARG A 65 0.72 -17.60 -5.53
N ILE A 66 0.55 -16.79 -6.57
CA ILE A 66 0.42 -17.30 -7.93
C ILE A 66 1.72 -17.33 -8.70
N GLY A 67 1.69 -18.05 -9.83
CA GLY A 67 2.92 -18.11 -10.62
C GLY A 67 2.58 -17.61 -12.01
N VAL A 68 3.59 -17.23 -12.76
CA VAL A 68 3.42 -16.70 -14.10
C VAL A 68 2.49 -17.50 -14.96
N ASN A 69 2.30 -18.79 -14.69
CA ASN A 69 1.44 -19.60 -15.51
C ASN A 69 -0.02 -19.53 -15.17
N ARG A 70 -0.36 -18.96 -14.02
CA ARG A 70 -1.73 -18.82 -13.58
C ARG A 70 -2.20 -17.37 -13.54
N LEU A 71 -1.26 -16.44 -13.68
CA LEU A 71 -1.35 -15.02 -13.67
C LEU A 71 -2.34 -14.46 -14.68
N LYS A 72 -2.51 -15.11 -15.84
CA LYS A 72 -3.41 -14.63 -16.86
C LYS A 72 -4.86 -14.91 -16.58
N ASP A 73 -5.13 -16.02 -15.89
CA ASP A 73 -6.52 -16.37 -15.60
C ASP A 73 -7.04 -15.60 -14.37
N TYR A 74 -6.11 -15.14 -13.56
CA TYR A 74 -6.34 -14.41 -12.32
C TYR A 74 -6.55 -12.93 -12.50
N LEU A 75 -5.84 -12.32 -13.45
CA LEU A 75 -5.93 -10.90 -13.72
C LEU A 75 -6.97 -10.56 -14.76
N LYS A 76 -7.43 -11.56 -15.50
CA LYS A 76 -8.43 -11.32 -16.54
C LYS A 76 -9.73 -10.83 -15.98
N PRO A 77 -10.35 -11.61 -15.09
CA PRO A 77 -11.62 -11.16 -14.53
C PRO A 77 -11.46 -9.80 -13.82
N LEU A 78 -10.29 -9.62 -13.21
CA LEU A 78 -10.00 -8.39 -12.49
C LEU A 78 -9.92 -7.20 -13.45
N VAL A 79 -9.09 -7.36 -14.47
CA VAL A 79 -8.94 -6.29 -15.44
C VAL A 79 -10.22 -5.94 -16.14
N ALA A 80 -11.03 -6.94 -16.51
CA ALA A 80 -12.29 -6.68 -17.18
C ALA A 80 -13.24 -5.94 -16.23
N LYS A 81 -13.17 -6.25 -14.95
CA LYS A 81 -14.00 -5.60 -13.94
C LYS A 81 -13.52 -4.18 -13.63
N GLY A 82 -12.45 -3.69 -14.24
CA GLY A 82 -12.03 -2.34 -13.92
C GLY A 82 -10.73 -2.12 -13.18
N LEU A 83 -10.02 -3.17 -12.79
CA LEU A 83 -8.74 -3.04 -12.07
C LEU A 83 -7.74 -2.31 -12.94
N ARG A 84 -7.01 -1.32 -12.41
CA ARG A 84 -6.07 -0.59 -13.26
C ARG A 84 -4.65 -0.66 -12.72
N SER A 85 -4.45 -1.21 -11.53
CA SER A 85 -3.09 -1.22 -11.00
C SER A 85 -2.86 -2.39 -10.05
N VAL A 86 -1.58 -2.76 -9.98
CA VAL A 86 -1.20 -3.87 -9.10
C VAL A 86 0.17 -3.57 -8.50
N ILE A 87 0.41 -4.08 -7.31
CA ILE A 87 1.75 -3.87 -6.75
C ILE A 87 2.38 -5.27 -6.55
N LEU A 88 3.52 -5.48 -7.16
CA LEU A 88 4.26 -6.67 -7.16
C LEU A 88 5.16 -6.99 -6.01
N PHE A 89 4.94 -8.19 -5.48
CA PHE A 89 5.69 -8.77 -4.37
C PHE A 89 6.29 -10.11 -4.82
N GLY A 90 7.61 -10.19 -5.00
CA GLY A 90 8.18 -11.47 -5.45
C GLY A 90 8.39 -12.43 -4.29
N VAL A 91 8.08 -13.70 -4.47
CA VAL A 91 8.25 -14.72 -3.45
C VAL A 91 9.11 -15.89 -3.90
N PRO A 92 10.44 -15.71 -3.85
CA PRO A 92 11.41 -16.73 -4.26
C PRO A 92 11.42 -17.93 -3.31
N LEU A 93 10.97 -19.08 -3.81
CA LEU A 93 10.89 -20.29 -3.05
C LEU A 93 12.01 -21.27 -3.28
N ILE A 94 12.59 -21.39 -4.46
CA ILE A 94 13.67 -22.33 -4.78
C ILE A 94 14.77 -22.33 -3.73
N PRO A 95 15.04 -23.52 -3.18
CA PRO A 95 15.99 -23.84 -2.16
C PRO A 95 17.31 -23.19 -2.16
N GLY A 96 17.75 -22.39 -3.14
CA GLY A 96 19.10 -21.83 -2.94
C GLY A 96 19.29 -20.46 -3.58
N THR A 97 18.33 -19.57 -3.37
CA THR A 97 18.31 -18.25 -3.90
C THR A 97 18.60 -17.13 -2.95
N LYS A 98 18.03 -17.12 -1.75
CA LYS A 98 18.24 -16.08 -0.76
C LYS A 98 19.65 -15.97 -0.26
N ASP A 99 20.13 -14.74 -0.07
CA ASP A 99 21.48 -14.52 0.42
C ASP A 99 21.65 -13.25 1.22
N PRO A 100 22.87 -12.93 1.65
CA PRO A 100 23.13 -11.73 2.44
C PRO A 100 23.01 -10.43 1.70
N VAL A 101 23.13 -10.44 0.38
CA VAL A 101 23.02 -9.21 -0.40
C VAL A 101 21.72 -9.16 -1.19
N GLY A 102 20.77 -10.03 -0.88
CA GLY A 102 19.52 -9.98 -1.62
C GLY A 102 19.74 -10.02 -3.13
N THR A 103 20.75 -10.74 -3.57
CA THR A 103 21.13 -10.91 -4.96
C THR A 103 19.93 -11.20 -5.85
N ALA A 104 19.07 -12.13 -5.42
CA ALA A 104 17.92 -12.48 -6.22
C ALA A 104 16.93 -11.33 -6.37
N ALA A 105 17.11 -10.21 -5.70
CA ALA A 105 16.20 -9.08 -5.76
C ALA A 105 15.86 -8.65 -7.16
N ASP A 106 16.86 -8.36 -7.99
CA ASP A 106 16.60 -7.94 -9.36
C ASP A 106 16.87 -9.07 -10.36
N ASP A 107 16.80 -10.32 -9.90
CA ASP A 107 17.06 -11.45 -10.78
C ASP A 107 16.13 -11.44 -11.99
N PRO A 108 16.71 -11.15 -13.16
CA PRO A 108 15.93 -11.09 -14.39
C PRO A 108 15.01 -12.27 -14.59
N ALA A 109 15.25 -13.35 -13.85
CA ALA A 109 14.39 -14.53 -14.05
C ALA A 109 13.61 -14.86 -12.79
N GLY A 110 13.55 -13.89 -11.88
CA GLY A 110 12.86 -14.02 -10.61
C GLY A 110 11.39 -13.75 -10.90
N PRO A 111 10.57 -13.99 -9.87
CA PRO A 111 9.11 -13.82 -9.88
C PRO A 111 8.68 -12.42 -10.30
N VAL A 112 9.26 -11.38 -9.72
CA VAL A 112 8.97 -9.99 -9.98
C VAL A 112 9.23 -9.53 -11.38
N ILE A 113 10.49 -9.65 -11.83
CA ILE A 113 10.82 -9.20 -13.17
C ILE A 113 10.13 -10.02 -14.24
N GLN A 114 9.66 -11.21 -13.88
CA GLN A 114 8.98 -12.08 -14.85
C GLN A 114 7.47 -11.81 -14.79
N GLY A 115 7.07 -11.19 -13.67
CA GLY A 115 5.70 -10.81 -13.40
C GLY A 115 5.42 -9.53 -14.18
N ILE A 116 6.48 -8.72 -14.31
CA ILE A 116 6.46 -7.47 -15.03
C ILE A 116 6.39 -7.69 -16.54
N ARG A 117 7.21 -8.63 -16.98
CA ARG A 117 7.29 -8.96 -18.41
C ARG A 117 6.03 -9.61 -18.90
N PHE A 118 5.39 -10.39 -18.04
CA PHE A 118 4.14 -11.06 -18.39
C PHE A 118 2.99 -10.07 -18.47
N ILE A 119 2.86 -9.25 -17.43
CA ILE A 119 1.79 -8.24 -17.37
C ILE A 119 1.86 -7.28 -18.53
N ARG A 120 3.03 -6.68 -18.77
CA ARG A 120 3.14 -5.75 -19.89
C ARG A 120 2.86 -6.40 -21.23
N GLU A 121 2.62 -7.70 -21.36
CA GLU A 121 2.39 -8.30 -22.67
C GLU A 121 0.93 -8.74 -22.82
N LYS A 122 0.36 -9.18 -21.71
CA LYS A 122 -0.98 -9.68 -21.64
C LYS A 122 -1.99 -8.69 -21.13
N PHE A 123 -1.54 -7.65 -20.45
CA PHE A 123 -2.39 -6.61 -19.87
C PHE A 123 -1.71 -5.25 -19.93
N PRO A 124 -1.39 -4.76 -21.13
CA PRO A 124 -0.71 -3.47 -21.28
C PRO A 124 -1.56 -2.30 -20.79
N GLU A 125 -2.67 -2.59 -20.11
CA GLU A 125 -3.58 -1.57 -19.60
C GLU A 125 -3.24 -1.26 -18.13
N LEU A 126 -2.71 -2.29 -17.49
CA LEU A 126 -2.33 -2.32 -16.10
C LEU A 126 -1.09 -1.47 -15.80
N TYR A 127 -1.19 -0.74 -14.71
CA TYR A 127 -0.11 0.13 -14.20
C TYR A 127 0.69 -0.76 -13.20
N ILE A 128 1.95 -0.98 -13.54
CA ILE A 128 2.76 -1.83 -12.70
C ILE A 128 3.55 -1.14 -11.65
N ILE A 129 3.24 -1.51 -10.40
CA ILE A 129 4.00 -0.90 -9.29
C ILE A 129 4.88 -2.00 -8.67
N CYS A 130 6.08 -1.70 -8.18
CA CYS A 130 6.81 -2.82 -7.60
C CYS A 130 7.36 -2.43 -6.22
N ASP A 131 7.11 -3.31 -5.25
CA ASP A 131 7.63 -3.03 -3.90
C ASP A 131 9.15 -3.16 -3.97
N VAL A 132 9.89 -2.25 -3.35
CA VAL A 132 11.33 -2.35 -3.41
C VAL A 132 11.94 -2.51 -2.01
N CYS A 133 12.53 -3.67 -1.78
CA CYS A 133 13.18 -3.99 -0.50
C CYS A 133 14.03 -5.25 -0.69
N LEU A 134 14.64 -5.77 0.36
CA LEU A 134 15.48 -6.97 0.30
C LEU A 134 15.04 -7.99 1.35
N CYS A 135 14.03 -7.65 2.15
CA CYS A 135 13.54 -8.55 3.18
C CYS A 135 13.19 -9.92 2.65
N GLU A 136 12.46 -9.99 1.54
CA GLU A 136 12.05 -11.26 0.96
C GLU A 136 13.13 -11.95 0.15
N TYR A 137 14.34 -11.42 0.09
CA TYR A 137 15.39 -12.05 -0.72
C TYR A 137 16.67 -12.27 0.07
N THR A 138 16.71 -11.80 1.31
CA THR A 138 17.92 -11.98 2.11
C THR A 138 17.78 -13.18 3.03
N SER A 139 18.89 -13.89 3.24
CA SER A 139 18.86 -15.06 4.11
C SER A 139 18.42 -14.73 5.52
N HIS A 140 18.77 -13.52 5.98
CA HIS A 140 18.44 -13.05 7.29
C HIS A 140 17.00 -12.58 7.41
N GLY A 141 16.42 -12.13 6.31
CA GLY A 141 15.05 -11.67 6.32
C GLY A 141 14.82 -10.23 6.73
N HIS A 142 15.92 -9.50 6.86
CA HIS A 142 15.85 -8.09 7.24
C HIS A 142 15.72 -7.20 6.02
N CYS A 143 15.34 -5.95 6.25
CA CYS A 143 15.15 -4.98 5.20
C CYS A 143 16.42 -4.26 4.82
N GLY A 144 17.38 -5.02 4.27
CA GLY A 144 18.62 -4.39 3.87
C GLY A 144 19.84 -5.24 4.16
N VAL A 145 21.02 -4.76 3.77
CA VAL A 145 22.26 -5.51 4.02
C VAL A 145 22.83 -5.23 5.39
N LEU A 146 22.97 -6.25 6.22
CA LEU A 146 23.47 -6.16 7.56
C LEU A 146 24.98 -6.04 7.69
N TYR A 147 25.36 -5.63 8.90
CA TYR A 147 26.79 -5.49 9.28
C TYR A 147 27.18 -6.81 9.97
N ASP A 148 28.44 -7.17 10.16
CA ASP A 148 28.73 -8.43 10.81
C ASP A 148 28.07 -8.58 12.16
N ASP A 149 27.01 -9.40 12.19
CA ASP A 149 26.22 -9.70 13.36
C ASP A 149 25.74 -8.44 14.07
N GLY A 150 25.09 -7.54 13.35
CA GLY A 150 24.62 -6.33 14.01
C GLY A 150 23.46 -5.66 13.29
N THR A 151 23.54 -4.34 13.24
CA THR A 151 22.57 -3.48 12.62
C THR A 151 22.65 -3.47 11.11
N ILE A 152 21.77 -2.67 10.51
CA ILE A 152 21.71 -2.55 9.06
C ILE A 152 22.77 -1.58 8.55
N ASN A 153 23.48 -2.02 7.51
CA ASN A 153 24.53 -1.21 6.89
C ASN A 153 23.90 -0.24 5.88
N ARG A 154 23.54 0.96 6.32
CA ARG A 154 22.92 1.99 5.54
C ARG A 154 23.44 2.12 4.12
N GLU A 155 24.72 2.40 3.95
CA GLU A 155 25.37 2.58 2.68
C GLU A 155 25.22 1.45 1.70
N ARG A 156 25.45 0.21 2.15
CA ARG A 156 25.33 -0.93 1.25
C ARG A 156 23.89 -1.27 0.96
N SER A 157 23.02 -1.09 1.95
CA SER A 157 21.62 -1.40 1.76
C SER A 157 20.98 -0.51 0.69
N VAL A 158 21.25 0.79 0.79
CA VAL A 158 20.72 1.80 -0.09
C VAL A 158 21.24 1.67 -1.52
N SER A 159 22.54 1.46 -1.60
CA SER A 159 23.27 1.26 -2.86
C SER A 159 22.70 0.02 -3.56
N ARG A 160 22.33 -0.97 -2.74
CA ARG A 160 21.74 -2.20 -3.25
C ARG A 160 20.29 -1.93 -3.70
N LEU A 161 19.53 -1.24 -2.87
CA LEU A 161 18.12 -0.91 -3.15
C LEU A 161 17.99 -0.03 -4.36
N ALA A 162 18.92 0.90 -4.59
CA ALA A 162 18.84 1.74 -5.78
C ALA A 162 18.93 0.94 -7.07
N ALA A 163 19.77 -0.09 -7.04
CA ALA A 163 19.98 -1.00 -8.17
C ALA A 163 18.73 -1.80 -8.48
N VAL A 164 18.14 -2.42 -7.47
CA VAL A 164 16.90 -3.22 -7.62
C VAL A 164 15.81 -2.35 -8.25
N ALA A 165 15.62 -1.14 -7.70
CA ALA A 165 14.65 -0.18 -8.18
C ALA A 165 14.90 0.18 -9.64
N VAL A 166 16.15 0.48 -10.02
CA VAL A 166 16.43 0.82 -11.42
C VAL A 166 16.24 -0.40 -12.32
N ASN A 167 16.52 -1.61 -11.82
CA ASN A 167 16.37 -2.83 -12.61
C ASN A 167 14.90 -3.13 -12.87
N TYR A 168 14.04 -2.89 -11.88
CA TYR A 168 12.60 -3.13 -12.14
C TYR A 168 12.13 -2.13 -13.21
N ALA A 169 12.54 -0.86 -13.04
CA ALA A 169 12.14 0.14 -14.05
C ALA A 169 12.70 -0.26 -15.42
N LYS A 170 13.95 -0.70 -15.47
CA LYS A 170 14.53 -1.11 -16.76
C LYS A 170 13.78 -2.30 -17.34
N ALA A 171 13.18 -3.12 -16.49
CA ALA A 171 12.40 -4.28 -16.96
C ALA A 171 10.98 -3.85 -17.35
N GLY A 172 10.59 -2.59 -17.15
CA GLY A 172 9.26 -2.18 -17.51
C GLY A 172 8.26 -1.80 -16.45
N ALA A 173 8.71 -1.71 -15.20
CA ALA A 173 7.82 -1.33 -14.11
C ALA A 173 7.57 0.19 -14.13
N HIS A 174 6.31 0.60 -14.20
CA HIS A 174 6.01 2.02 -14.22
C HIS A 174 6.35 2.65 -12.87
N CYS A 175 6.26 1.91 -11.77
CA CYS A 175 6.54 2.56 -10.48
C CYS A 175 7.23 1.62 -9.51
N VAL A 176 8.10 2.21 -8.70
CA VAL A 176 8.82 1.51 -7.66
C VAL A 176 8.42 2.05 -6.29
N ALA A 177 8.05 1.18 -5.37
CA ALA A 177 7.62 1.61 -4.03
C ALA A 177 8.68 1.14 -3.01
N PRO A 178 9.63 1.96 -2.57
CA PRO A 178 10.59 1.47 -1.59
C PRO A 178 10.02 1.34 -0.19
N SER A 179 10.02 0.14 0.40
CA SER A 179 9.49 -0.08 1.73
C SER A 179 10.53 -0.55 2.72
N ASP A 180 11.74 -0.02 2.66
CA ASP A 180 12.76 -0.44 3.62
C ASP A 180 12.74 0.45 4.86
N MSE A 181 12.50 1.73 4.64
CA MSE A 181 12.45 2.73 5.70
C MSE A 181 13.86 3.23 6.04
O MSE A 181 14.01 3.99 7.00
CB MSE A 181 11.77 2.19 6.94
CG MSE A 181 10.25 2.38 6.97
SE MSE A 181 9.78 4.24 6.67
CE MSE A 181 9.85 5.28 8.26
N ILE A 182 14.85 2.81 5.26
CA ILE A 182 16.25 3.18 5.44
C ILE A 182 16.51 4.59 4.93
N ASP A 183 17.05 5.41 5.83
CA ASP A 183 17.40 6.79 5.66
C ASP A 183 18.11 7.07 4.34
N GLY A 184 17.52 7.96 3.57
CA GLY A 184 18.03 8.40 2.30
C GLY A 184 17.89 7.54 1.08
N ARG A 185 17.19 6.43 1.18
CA ARG A 185 17.06 5.54 0.02
C ARG A 185 16.33 6.18 -1.12
N ILE A 186 15.38 7.07 -0.85
CA ILE A 186 14.62 7.72 -1.91
C ILE A 186 15.49 8.53 -2.84
N ARG A 187 16.46 9.23 -2.25
CA ARG A 187 17.42 10.07 -2.98
C ARG A 187 18.30 9.24 -3.91
N ASP A 188 18.79 8.12 -3.38
CA ASP A 188 19.67 7.27 -4.20
C ASP A 188 18.90 6.55 -5.27
N ILE A 189 17.67 6.15 -4.93
CA ILE A 189 16.82 5.48 -5.93
C ILE A 189 16.43 6.51 -7.01
N LYS A 190 16.14 7.74 -6.61
CA LYS A 190 15.79 8.81 -7.58
C LYS A 190 17.03 9.14 -8.41
N ARG A 191 18.17 9.31 -7.76
CA ARG A 191 19.42 9.61 -8.51
C ARG A 191 19.71 8.46 -9.50
N GLY A 192 19.64 7.23 -9.02
CA GLY A 192 19.88 6.08 -9.87
C GLY A 192 18.93 6.07 -11.05
N LEU A 193 17.66 6.45 -10.84
CA LEU A 193 16.77 6.44 -12.01
C LEU A 193 17.18 7.53 -12.98
N ILE A 194 17.60 8.66 -12.41
CA ILE A 194 18.05 9.78 -13.25
C ILE A 194 19.23 9.31 -14.12
N ASN A 195 20.29 8.81 -13.49
CA ASN A 195 21.46 8.32 -14.23
C ASN A 195 21.04 7.24 -15.24
N ALA A 196 20.04 6.42 -14.94
CA ALA A 196 19.59 5.41 -15.86
C ALA A 196 18.60 5.96 -16.85
N ASN A 197 18.42 7.27 -16.88
CA ASN A 197 17.49 7.88 -17.79
C ASN A 197 16.10 7.29 -17.70
N LEU A 198 15.64 7.00 -16.48
CA LEU A 198 14.29 6.45 -16.35
C LEU A 198 13.47 7.28 -15.36
N ALA A 199 13.97 8.38 -14.83
CA ALA A 199 13.37 9.26 -13.85
C ALA A 199 12.08 9.91 -14.33
N HIS A 200 12.03 10.26 -15.60
CA HIS A 200 10.89 10.91 -16.22
C HIS A 200 9.82 9.90 -16.58
N LYS A 201 9.95 8.64 -16.15
CA LYS A 201 8.87 7.73 -16.56
C LYS A 201 8.56 6.71 -15.48
N THR A 202 9.26 6.82 -14.36
CA THR A 202 9.07 5.92 -13.22
C THR A 202 8.63 6.75 -12.00
N PHE A 203 7.43 6.44 -11.55
CA PHE A 203 6.83 7.14 -10.40
C PHE A 203 7.38 6.51 -9.12
N VAL A 204 8.04 7.30 -8.30
CA VAL A 204 8.57 6.75 -7.06
C VAL A 204 7.51 6.93 -5.96
N LEU A 205 6.87 5.82 -5.63
CA LEU A 205 5.83 5.72 -4.62
C LEU A 205 6.40 5.31 -3.30
N SER A 206 6.82 6.33 -2.54
CA SER A 206 7.44 6.05 -1.31
C SER A 206 6.67 5.61 -0.13
N TYR A 207 7.13 4.53 0.51
CA TYR A 207 6.35 4.18 1.74
C TYR A 207 7.02 5.16 2.81
N ALA A 208 6.65 6.42 2.79
CA ALA A 208 7.21 7.42 3.67
C ALA A 208 6.98 7.12 5.13
N ALA A 209 5.76 6.69 5.45
CA ALA A 209 5.46 6.40 6.83
C ALA A 209 5.07 4.96 7.05
N LYS A 210 6.05 4.12 7.40
CA LYS A 210 5.74 2.71 7.63
C LYS A 210 6.03 2.37 9.10
N PHE A 211 4.99 2.20 9.92
CA PHE A 211 5.10 1.90 11.32
C PHE A 211 5.14 0.40 11.60
N SER A 212 5.77 0.09 12.74
CA SER A 212 5.84 -1.31 13.16
C SER A 212 4.63 -1.64 14.03
N GLY A 213 4.08 -2.84 13.88
CA GLY A 213 2.92 -3.15 14.70
C GLY A 213 2.53 -4.61 14.64
N ASN A 214 1.42 -4.92 15.28
CA ASN A 214 0.91 -6.28 15.35
C ASN A 214 -0.12 -6.54 14.26
N LEU A 215 -0.05 -5.68 13.25
CA LEU A 215 -0.95 -5.74 12.12
C LEU A 215 -0.38 -6.48 10.93
N TYR A 216 0.85 -6.97 11.05
CA TYR A 216 1.49 -7.71 9.96
C TYR A 216 1.36 -9.22 10.22
N GLY A 217 1.33 -9.57 11.50
CA GLY A 217 1.22 -10.95 11.92
C GLY A 217 1.15 -11.04 13.44
N PRO A 218 0.28 -11.92 13.95
CA PRO A 218 0.18 -12.05 15.40
C PRO A 218 1.54 -12.05 16.08
N ALA A 219 1.57 -11.67 17.36
CA ALA A 219 2.84 -11.65 18.08
C ALA A 219 2.83 -10.65 19.23
N CYS A 234 15.93 -3.10 11.72
CA CYS A 234 15.29 -2.51 10.55
C CYS A 234 14.43 -1.31 10.91
N TYR A 235 14.55 -0.27 10.10
CA TYR A 235 13.87 1.00 10.20
C TYR A 235 12.36 0.87 10.15
N GLN A 236 11.73 1.28 11.24
CA GLN A 236 10.29 1.24 11.37
C GLN A 236 9.85 2.17 12.50
N LEU A 237 9.07 3.16 12.13
CA LEU A 237 8.60 4.12 13.13
C LEU A 237 7.78 3.45 14.21
N PRO A 238 7.96 3.93 15.44
CA PRO A 238 7.19 3.41 16.57
C PRO A 238 5.77 4.08 16.50
N PRO A 239 4.73 3.35 16.86
CA PRO A 239 3.39 3.88 16.77
C PRO A 239 3.16 5.27 17.28
N ALA A 240 3.81 5.69 18.37
CA ALA A 240 3.60 7.02 18.88
C ALA A 240 4.45 8.08 18.20
N GLY A 241 5.34 7.61 17.34
CA GLY A 241 6.23 8.51 16.62
C GLY A 241 5.57 9.37 15.56
N ARG A 242 4.91 10.45 15.96
CA ARG A 242 4.26 11.35 15.01
C ARG A 242 5.29 12.33 14.40
N GLY A 243 6.16 12.91 15.21
CA GLY A 243 7.17 13.82 14.71
C GLY A 243 8.10 13.16 13.72
N LEU A 244 8.48 11.91 13.98
CA LEU A 244 9.39 11.21 13.06
C LEU A 244 8.70 10.95 11.73
N ALA A 245 7.42 10.59 11.82
CA ALA A 245 6.58 10.30 10.65
C ALA A 245 6.44 11.53 9.79
N ARG A 246 6.30 12.70 10.43
CA ARG A 246 6.18 13.96 9.71
C ARG A 246 7.50 14.37 9.05
N ARG A 247 8.63 14.18 9.72
CA ARG A 247 9.95 14.52 9.19
C ARG A 247 10.33 13.54 8.07
N ALA A 248 9.89 12.29 8.19
CA ALA A 248 10.12 11.27 7.16
C ALA A 248 9.29 11.58 5.92
N LEU A 249 8.09 12.14 6.10
CA LEU A 249 7.22 12.49 4.97
C LEU A 249 7.86 13.62 4.17
N GLU A 250 8.30 14.64 4.89
CA GLU A 250 8.96 15.80 4.33
C GLU A 250 10.31 15.38 3.70
N ARG A 251 11.09 14.52 4.34
CA ARG A 251 12.38 14.08 3.75
C ARG A 251 12.13 13.44 2.38
N ASP A 252 11.34 12.36 2.41
CA ASP A 252 11.03 11.63 1.21
C ASP A 252 10.50 12.49 0.08
N MSE A 253 9.82 13.60 0.37
CA MSE A 253 9.32 14.39 -0.78
C MSE A 253 10.45 15.24 -1.35
O MSE A 253 10.57 15.37 -2.55
CB MSE A 253 8.16 15.28 -0.33
CG MSE A 253 7.59 16.24 -1.32
SE MSE A 253 6.17 17.25 -0.37
CE MSE A 253 6.91 18.09 1.14
N SER A 254 11.31 15.77 -0.47
CA SER A 254 12.47 16.56 -0.85
C SER A 254 13.51 15.74 -1.61
N GLU A 255 13.58 14.46 -1.33
CA GLU A 255 14.48 13.49 -1.94
C GLU A 255 13.93 12.96 -3.26
N GLY A 256 12.72 13.36 -3.66
CA GLY A 256 12.19 12.88 -4.91
C GLY A 256 10.94 12.05 -5.04
N ALA A 257 10.34 11.64 -3.93
CA ALA A 257 9.11 10.84 -4.00
C ALA A 257 8.04 11.55 -4.79
N ASP A 258 7.28 10.80 -5.61
CA ASP A 258 6.26 11.46 -6.41
C ASP A 258 4.87 11.21 -5.79
N GLY A 259 4.86 10.28 -4.86
CA GLY A 259 3.64 9.89 -4.18
C GLY A 259 4.06 9.34 -2.83
N ILE A 260 3.15 9.21 -1.87
CA ILE A 260 3.51 8.70 -0.55
C ILE A 260 2.55 7.63 -0.08
N ILE A 261 3.08 6.71 0.73
CA ILE A 261 2.25 5.64 1.26
C ILE A 261 2.34 5.68 2.80
N VAL A 262 1.21 5.39 3.42
CA VAL A 262 1.15 5.35 4.90
C VAL A 262 0.75 3.91 5.28
N LYS A 263 1.54 3.20 6.05
CA LYS A 263 1.19 1.81 6.37
C LYS A 263 1.49 1.48 7.82
N PRO A 264 0.53 0.91 8.54
CA PRO A 264 -0.85 0.58 8.14
C PRO A 264 -1.69 1.85 7.87
N SER A 265 -3.00 1.76 7.67
CA SER A 265 -3.86 2.89 7.39
C SER A 265 -4.94 3.17 8.41
N THR A 266 -5.89 2.26 8.65
CA THR A 266 -6.95 2.47 9.62
C THR A 266 -6.47 2.90 10.98
N PHE A 267 -5.40 2.27 11.47
CA PHE A 267 -4.91 2.67 12.80
C PHE A 267 -4.01 3.88 12.72
N TYR A 268 -3.81 4.41 11.51
CA TYR A 268 -2.89 5.57 11.36
C TYR A 268 -3.53 6.67 10.55
N LEU A 269 -4.85 6.80 10.60
CA LEU A 269 -5.59 7.83 9.89
C LEU A 269 -5.12 9.23 10.20
N ASP A 270 -4.69 9.48 11.44
CA ASP A 270 -4.21 10.84 11.76
C ASP A 270 -2.92 11.11 10.96
N ILE A 271 -2.12 10.06 10.78
CA ILE A 271 -0.87 10.18 10.02
C ILE A 271 -1.21 10.45 8.55
N VAL A 272 -2.25 9.82 8.03
CA VAL A 272 -2.56 10.12 6.60
C VAL A 272 -3.04 11.57 6.50
N ARG A 273 -3.68 12.02 7.58
CA ARG A 273 -4.18 13.43 7.59
C ARG A 273 -3.00 14.40 7.61
N ASP A 274 -1.93 14.03 8.32
CA ASP A 274 -0.72 14.86 8.42
C ASP A 274 0.00 14.86 7.06
N ALA A 275 0.03 13.68 6.44
CA ALA A 275 0.68 13.54 5.11
C ALA A 275 -0.15 14.34 4.09
N SER A 276 -1.45 14.46 4.36
CA SER A 276 -2.30 15.20 3.44
C SER A 276 -2.01 16.68 3.50
N GLU A 277 -1.40 17.12 4.59
CA GLU A 277 -1.06 18.56 4.66
C GLU A 277 0.43 18.74 4.33
N ILE A 278 1.30 17.88 4.86
CA ILE A 278 2.74 18.04 4.54
C ILE A 278 2.97 17.82 3.06
N CYS A 279 2.41 16.77 2.47
CA CYS A 279 2.53 16.38 1.08
C CYS A 279 1.26 16.66 0.26
N LYS A 280 0.68 17.83 0.46
CA LYS A 280 -0.51 18.32 -0.17
C LYS A 280 -0.48 18.21 -1.68
N ASP A 281 0.64 18.52 -2.34
CA ASP A 281 0.64 18.43 -3.77
C ASP A 281 0.96 17.07 -4.32
N LEU A 282 1.09 16.04 -3.50
CA LEU A 282 1.44 14.71 -3.99
C LEU A 282 0.33 13.69 -3.65
N PRO A 283 0.13 12.73 -4.56
CA PRO A 283 -0.88 11.72 -4.29
C PRO A 283 -0.54 10.89 -3.05
N ILE A 284 -1.46 10.83 -2.09
CA ILE A 284 -1.27 10.05 -0.88
C ILE A 284 -1.92 8.67 -1.10
N CYS A 285 -1.31 7.63 -0.53
CA CYS A 285 -1.88 6.29 -0.71
C CYS A 285 -2.02 5.58 0.62
N ALA A 286 -3.18 4.98 0.90
CA ALA A 286 -3.32 4.31 2.19
C ALA A 286 -3.05 2.83 2.00
N TYR A 287 -2.52 2.14 3.02
CA TYR A 287 -2.26 0.72 2.74
C TYR A 287 -3.01 -0.16 3.72
N HIS A 288 -4.11 -0.74 3.24
CA HIS A 288 -4.89 -1.63 4.12
C HIS A 288 -4.08 -2.94 4.29
N VAL A 289 -3.35 -3.04 5.39
CA VAL A 289 -2.50 -4.14 5.74
C VAL A 289 -3.19 -5.45 5.96
N SER A 290 -2.46 -6.52 5.70
CA SER A 290 -2.93 -7.89 5.81
C SER A 290 -3.64 -8.16 7.13
N GLY A 291 -3.05 -7.64 8.19
CA GLY A 291 -3.58 -7.83 9.52
C GLY A 291 -4.87 -7.06 9.75
N GLU A 292 -5.02 -5.93 9.05
CA GLU A 292 -6.28 -5.15 9.22
C GLU A 292 -7.37 -5.91 8.44
N TYR A 293 -6.98 -6.31 7.24
CA TYR A 293 -7.84 -7.07 6.33
C TYR A 293 -8.30 -8.36 7.03
N ALA A 294 -7.36 -9.06 7.63
CA ALA A 294 -7.58 -10.29 8.35
C ALA A 294 -8.37 -10.05 9.65
N MSE A 295 -8.39 -8.82 10.17
CA MSE A 295 -9.12 -8.51 11.38
C MSE A 295 -10.56 -8.10 11.07
O MSE A 295 -11.46 -8.21 11.91
CB MSE A 295 -8.42 -7.42 12.19
CG MSE A 295 -9.46 -6.68 13.03
SE MSE A 295 -8.74 -5.06 13.71
CE MSE A 295 -7.16 -5.73 14.72
N LEU A 296 -10.79 -7.64 9.85
CA LEU A 296 -12.13 -7.21 9.40
C LEU A 296 -12.95 -8.47 9.05
N HIS A 297 -12.21 -9.42 8.47
CA HIS A 297 -12.76 -10.72 8.08
C HIS A 297 -13.16 -11.52 9.31
N ALA A 298 -12.25 -11.57 10.28
CA ALA A 298 -12.51 -12.31 11.52
C ALA A 298 -13.76 -11.76 12.22
N ALA A 299 -13.74 -10.47 12.48
CA ALA A 299 -14.82 -9.75 13.15
C ALA A 299 -16.15 -10.02 12.44
N ALA A 300 -16.04 -10.04 11.11
CA ALA A 300 -17.17 -10.28 10.24
C ALA A 300 -17.78 -11.66 10.52
N GLU A 301 -16.94 -12.69 10.42
CA GLU A 301 -17.36 -14.06 10.65
C GLU A 301 -17.85 -14.28 12.07
N LYS A 302 -17.37 -13.46 12.99
CA LYS A 302 -17.87 -13.63 14.37
C LYS A 302 -19.14 -12.75 14.51
N GLY A 303 -19.54 -12.15 13.40
CA GLY A 303 -20.71 -11.32 13.34
C GLY A 303 -20.64 -10.06 14.20
N VAL A 304 -19.43 -9.55 14.39
CA VAL A 304 -19.32 -8.33 15.21
C VAL A 304 -19.69 -7.12 14.33
N VAL A 305 -19.53 -7.39 13.03
CA VAL A 305 -19.80 -6.42 11.99
C VAL A 305 -19.99 -7.12 10.63
N ASP A 306 -20.51 -6.36 9.70
CA ASP A 306 -20.78 -6.77 8.33
C ASP A 306 -19.64 -6.26 7.41
N LEU A 307 -18.85 -7.21 6.93
CA LEU A 307 -17.71 -7.01 6.08
C LEU A 307 -17.85 -5.91 5.06
N LYS A 308 -18.88 -5.96 4.22
CA LYS A 308 -19.08 -4.93 3.19
C LYS A 308 -19.25 -3.56 3.81
N THR A 309 -19.95 -3.59 4.95
CA THR A 309 -20.24 -2.39 5.68
C THR A 309 -19.02 -1.78 6.33
N ILE A 310 -18.22 -2.63 6.94
CA ILE A 310 -16.98 -2.25 7.61
C ILE A 310 -15.86 -1.98 6.63
N ALA A 311 -15.97 -2.47 5.41
CA ALA A 311 -14.96 -2.23 4.39
C ALA A 311 -15.17 -0.87 3.71
N PHE A 312 -16.42 -0.48 3.53
CA PHE A 312 -16.73 0.83 2.91
C PHE A 312 -16.42 1.95 3.91
N GLU A 313 -16.78 1.67 5.16
CA GLU A 313 -16.54 2.64 6.23
C GLU A 313 -15.03 2.89 6.36
N SER A 314 -14.25 1.83 6.50
CA SER A 314 -12.79 1.84 6.64
C SER A 314 -12.13 2.46 5.42
N HIS A 315 -12.48 2.04 4.21
CA HIS A 315 -11.94 2.60 2.99
C HIS A 315 -12.42 4.00 2.69
N GLN A 316 -13.55 4.47 3.24
CA GLN A 316 -13.95 5.85 2.95
C GLN A 316 -13.18 6.80 3.89
N GLY A 317 -12.69 6.18 4.95
CA GLY A 317 -11.90 6.76 6.01
C GLY A 317 -10.55 7.18 5.47
N PHE A 318 -10.02 6.39 4.55
CA PHE A 318 -8.71 6.70 3.93
C PHE A 318 -8.88 7.96 3.07
N LEU A 319 -10.02 7.96 2.37
CA LEU A 319 -10.40 9.04 1.46
C LEU A 319 -10.67 10.34 2.22
N ARG A 320 -11.36 10.18 3.34
CA ARG A 320 -11.71 11.33 4.18
C ARG A 320 -10.45 11.87 4.86
N ALA A 321 -9.59 10.95 5.25
CA ALA A 321 -8.33 11.30 5.93
C ALA A 321 -7.38 11.97 4.96
N GLY A 322 -7.66 11.85 3.66
CA GLY A 322 -6.82 12.50 2.69
C GLY A 322 -6.22 11.68 1.56
N ALA A 323 -6.38 10.36 1.59
CA ALA A 323 -5.80 9.55 0.53
C ALA A 323 -6.64 9.48 -0.71
N ARG A 324 -5.98 9.43 -1.87
CA ARG A 324 -6.63 9.34 -3.15
C ARG A 324 -6.32 8.03 -3.86
N LEU A 325 -5.65 7.13 -3.14
CA LEU A 325 -5.27 5.82 -3.64
C LEU A 325 -5.31 4.80 -2.51
N ILE A 326 -5.71 3.56 -2.82
CA ILE A 326 -5.72 2.64 -1.65
C ILE A 326 -5.18 1.27 -2.05
N ILE A 327 -4.18 0.80 -1.32
CA ILE A 327 -3.65 -0.55 -1.61
C ILE A 327 -4.43 -1.50 -0.68
N THR A 328 -5.28 -2.34 -1.26
CA THR A 328 -6.08 -3.23 -0.37
C THR A 328 -6.31 -4.57 -1.06
N TYR A 329 -6.52 -5.57 -0.23
CA TYR A 329 -6.79 -6.95 -0.58
C TYR A 329 -8.30 -7.17 -0.84
N LEU A 330 -9.04 -6.07 -0.72
CA LEU A 330 -10.47 -6.03 -0.93
C LEU A 330 -10.82 -5.44 -2.28
N ALA A 331 -9.84 -5.30 -3.18
CA ALA A 331 -10.07 -4.77 -4.52
C ALA A 331 -11.02 -5.65 -5.31
N PRO A 332 -10.77 -6.97 -5.29
CA PRO A 332 -11.68 -7.85 -6.07
C PRO A 332 -13.14 -7.48 -5.74
N GLU A 333 -13.45 -7.46 -4.45
CA GLU A 333 -14.77 -7.14 -3.94
C GLU A 333 -15.25 -5.77 -4.36
N PHE A 334 -14.46 -4.75 -4.04
CA PHE A 334 -14.76 -3.37 -4.37
C PHE A 334 -15.03 -3.18 -5.85
N LEU A 335 -14.31 -3.94 -6.67
CA LEU A 335 -14.52 -3.83 -8.12
C LEU A 335 -15.93 -4.29 -8.49
N ASP A 336 -16.54 -5.00 -7.56
CA ASP A 336 -17.91 -5.52 -7.68
C ASP A 336 -18.90 -4.47 -7.10
N TRP A 337 -18.70 -4.17 -5.82
CA TRP A 337 -19.48 -3.22 -5.06
C TRP A 337 -19.57 -1.85 -5.71
N LEU A 338 -18.48 -1.32 -6.28
CA LEU A 338 -18.62 0.00 -6.90
C LEU A 338 -19.49 -0.09 -8.15
N ASP A 339 -19.65 -1.30 -8.66
CA ASP A 339 -20.48 -1.48 -9.88
C ASP A 339 -21.94 -1.16 -9.54
N GLU A 340 -22.29 -1.54 -8.32
CA GLU A 340 -23.61 -1.34 -7.77
C GLU A 340 -23.90 0.11 -7.43
ZN ZN B . 11.58 -5.18 3.52
ZN ZN C . 13.79 -7.02 10.66
#